data_6COJ
#
_entry.id   6COJ
#
_cell.length_a   69.172
_cell.length_b   69.172
_cell.length_c   241.873
_cell.angle_alpha   90.000
_cell.angle_beta   90.000
_cell.angle_gamma   90.000
#
_symmetry.space_group_name_H-M   'P 43 21 2'
#
loop_
_entity.id
_entity.type
_entity.pdbx_description
1 polymer 'Probable CoA-transferase alpha subunit'
2 polymer 'Probable CoA-transferase beta subunit'
3 non-polymer 'SULFATE ION'
4 non-polymer 'S-{(3R,5R,9R)-1-[(2R,3S,4R,5R)-5-(6-amino-9H-purin-9-yl)-4-hydroxy-3-(phosphonooxy)tetrahydrofuran-2-yl]-3,5,9-trihydroxy-8,8-dimethyl-3,5-dioxido-10,14-dioxo-2,4,6-trioxa-11,15-diaza-3lambda~5~,5lambda~5~-diphosphaheptadecan-17-yl} (5R,10R)-7-hydroxy-10-methyl-2-oxo-1-oxaspiro[4.5]dec-6-ene-6-carbothioate (non-preferred name)'
5 water water
#
loop_
_entity_poly.entity_id
_entity_poly.type
_entity_poly.pdbx_seq_one_letter_code
_entity_poly.pdbx_strand_id
1 'polypeptide(L)'
;MHHHHHHLVPRGSVSKRDKRISLDDAVGELRSGMTIGIGGWGSRRKPMALVRALLRSDVTDLTVVTYGGPDLGLLCSAGK
VTKAYYGFVSLDSAPFYDPWFAKARTAGEIAVREMDAGMVKCGLEAAAARLPFLPIRAGLGSDVRRFWGDELRTVTSPYP
DASGKSETLIAMPALNLDAALVHLNLGDKHGNAAYTGVDPYFDDLYCAAAEKRFVSVERVVETEELVKTVPLQNLILNRM
MVDGVVEAPNGAHFTLAGDSYGRDEKFQRHYAESAKTPQAWQQFVATYLSGSEDDYQAAVKKFAEEQA
;
A
2 'polypeptide(L)'
;MSETITEVTRAEYCAIACADIFSGAGEIMASPMATLPLIGARLARLTTEPDLLITDGEALIFADTPAVGAKAPIEGWMPF
RKVFDVVASGRRHVVMGANQIDRHGNQNLSAFGPLQQPTRQMFGVRGAPGNTINHPTSYWVGKHTSRVFCDTVDIVSGVG
YDQIDPENPAYRFHHLHRVVSNLGVFDFGGPDHTFRALSLHPGVTADQVADNTSFEVAGLADAGVTREPTDEELRLIREV
LDPRSLRDREVSV
;
B
#
# COMPACT_ATOMS: atom_id res chain seq x y z
N VAL A 14 -17.77 19.35 38.97
CA VAL A 14 -16.48 19.60 38.32
C VAL A 14 -15.97 18.32 37.65
N SER A 15 -16.28 18.15 36.36
CA SER A 15 -15.94 16.94 35.64
C SER A 15 -15.45 17.27 34.25
N LYS A 16 -14.61 16.39 33.71
CA LYS A 16 -14.21 16.47 32.32
C LYS A 16 -15.42 16.21 31.42
N ARG A 17 -15.36 16.74 30.21
CA ARG A 17 -16.51 16.64 29.30
C ARG A 17 -16.78 15.19 28.92
N ASP A 18 -18.07 14.80 28.96
CA ASP A 18 -18.51 13.49 28.49
C ASP A 18 -18.75 13.59 27.00
N LYS A 19 -17.91 12.90 26.21
CA LYS A 19 -17.94 13.01 24.76
C LYS A 19 -18.69 11.88 24.07
N ARG A 20 -19.35 11.02 24.83
CA ARG A 20 -20.08 9.90 24.22
C ARG A 20 -21.23 10.41 23.36
N ILE A 21 -21.30 9.91 22.12
CA ILE A 21 -22.35 10.25 21.16
C ILE A 21 -22.63 9.03 20.29
N SER A 22 -23.76 9.06 19.59
CA SER A 22 -24.13 7.96 18.70
C SER A 22 -23.47 8.13 17.34
N LEU A 23 -23.53 7.06 16.53
CA LEU A 23 -23.03 7.13 15.16
C LEU A 23 -23.72 8.25 14.37
N ASP A 24 -25.05 8.31 14.46
CA ASP A 24 -25.79 9.33 13.72
C ASP A 24 -25.50 10.72 14.27
N ASP A 25 -25.33 10.85 15.60
CA ASP A 25 -24.93 12.13 16.19
C ASP A 25 -23.61 12.62 15.61
N ALA A 26 -22.63 11.71 15.53
CA ALA A 26 -21.31 12.12 15.04
C ALA A 26 -21.39 12.59 13.59
N VAL A 27 -22.11 11.86 12.74
CA VAL A 27 -22.26 12.28 11.36
C VAL A 27 -23.08 13.56 11.28
N GLY A 28 -23.97 13.80 12.25
CA GLY A 28 -24.71 15.05 12.33
C GLY A 28 -23.84 16.27 12.54
N GLU A 29 -22.60 16.09 13.00
CA GLU A 29 -21.64 17.17 13.12
CA GLU A 29 -21.67 17.20 13.11
C GLU A 29 -20.87 17.44 11.84
N LEU A 30 -20.99 16.56 10.85
CA LEU A 30 -20.33 16.73 9.57
C LEU A 30 -21.23 17.51 8.62
N ARG A 31 -20.62 18.06 7.57
CA ARG A 31 -21.35 18.87 6.61
C ARG A 31 -20.87 18.53 5.21
N SER A 32 -21.78 18.65 4.25
CA SER A 32 -21.38 18.48 2.86
C SER A 32 -20.28 19.47 2.53
N GLY A 33 -19.35 19.04 1.68
CA GLY A 33 -18.24 19.87 1.28
C GLY A 33 -17.02 19.79 2.18
N MET A 34 -17.09 19.04 3.27
CA MET A 34 -15.96 18.96 4.18
C MET A 34 -14.83 18.14 3.57
N THR A 35 -13.62 18.44 4.01
CA THR A 35 -12.48 17.55 3.83
C THR A 35 -12.41 16.64 5.05
N ILE A 36 -12.53 15.33 4.83
CA ILE A 36 -12.58 14.35 5.90
C ILE A 36 -11.45 13.34 5.72
N GLY A 37 -10.68 13.13 6.78
CA GLY A 37 -9.68 12.08 6.78
C GLY A 37 -10.28 10.83 7.41
N ILE A 38 -9.99 9.68 6.83
CA ILE A 38 -10.50 8.41 7.34
C ILE A 38 -9.31 7.54 7.72
N GLY A 39 -9.31 7.06 8.96
CA GLY A 39 -8.20 6.30 9.51
C GLY A 39 -8.11 4.88 8.99
N GLY A 40 -7.38 4.05 9.74
CA GLY A 40 -7.11 2.71 9.27
C GLY A 40 -6.21 2.72 8.03
N TRP A 41 -6.29 1.63 7.27
CA TRP A 41 -5.39 1.43 6.14
C TRP A 41 -5.95 0.32 5.26
N GLY A 42 -6.28 0.61 4.01
CA GLY A 42 -6.79 -0.45 3.15
C GLY A 42 -8.00 -1.10 3.79
N SER A 43 -7.98 -2.43 3.89
CA SER A 43 -9.04 -3.15 4.60
C SER A 43 -8.63 -3.50 6.02
N ARG A 44 -8.17 -2.49 6.76
CA ARG A 44 -7.63 -2.68 8.11
C ARG A 44 -8.12 -1.55 9.01
N ARG A 45 -8.86 -1.95 10.06
CA ARG A 45 -9.37 -1.06 11.11
C ARG A 45 -9.96 0.23 10.56
N LYS A 46 -10.81 0.08 9.54
CA LYS A 46 -11.53 1.23 9.04
C LYS A 46 -12.74 1.51 9.93
N PRO A 47 -13.11 2.80 10.10
CA PRO A 47 -14.33 3.14 10.87
C PRO A 47 -15.58 2.90 10.02
N MET A 48 -15.85 1.62 9.77
CA MET A 48 -16.89 1.24 8.82
C MET A 48 -18.28 1.57 9.33
N ALA A 49 -18.51 1.47 10.64
CA ALA A 49 -19.79 1.90 11.19
C ALA A 49 -20.02 3.39 10.96
N LEU A 50 -18.97 4.21 11.14
CA LEU A 50 -19.12 5.64 10.85
C LEU A 50 -19.35 5.87 9.36
N VAL A 51 -18.68 5.09 8.50
CA VAL A 51 -18.90 5.22 7.06
C VAL A 51 -20.34 4.84 6.69
N ARG A 52 -20.86 3.76 7.28
CA ARG A 52 -22.27 3.41 7.03
C ARG A 52 -23.22 4.51 7.52
N ALA A 53 -22.87 5.18 8.62
CA ALA A 53 -23.70 6.30 9.08
C ALA A 53 -23.63 7.46 8.10
N LEU A 54 -22.46 7.70 7.51
CA LEU A 54 -22.37 8.69 6.43
C LEU A 54 -23.28 8.34 5.26
N LEU A 55 -23.33 7.05 4.87
CA LEU A 55 -24.18 6.63 3.77
C LEU A 55 -25.65 6.87 4.07
N ARG A 56 -26.05 6.67 5.32
CA ARG A 56 -27.45 6.91 5.70
C ARG A 56 -27.79 8.39 5.65
N SER A 57 -26.80 9.26 5.84
CA SER A 57 -27.00 10.70 5.90
C SER A 57 -27.05 11.30 4.49
N ASP A 58 -27.34 12.59 4.44
CA ASP A 58 -27.29 13.36 3.19
C ASP A 58 -25.98 14.10 3.00
N VAL A 59 -24.98 13.85 3.85
CA VAL A 59 -23.68 14.52 3.73
C VAL A 59 -22.98 14.00 2.49
N THR A 60 -22.58 14.92 1.60
CA THR A 60 -22.01 14.53 0.32
C THR A 60 -20.99 15.60 -0.10
N ASP A 61 -20.56 15.53 -1.35
CA ASP A 61 -19.58 16.48 -1.91
C ASP A 61 -18.32 16.52 -1.04
N LEU A 62 -17.84 15.35 -0.62
CA LEU A 62 -16.74 15.27 0.32
C LEU A 62 -15.40 15.25 -0.41
N THR A 63 -14.39 15.81 0.23
CA THR A 63 -13.01 15.61 -0.16
C THR A 63 -12.45 14.65 0.88
N VAL A 64 -11.99 13.48 0.43
CA VAL A 64 -11.58 12.41 1.33
C VAL A 64 -10.06 12.25 1.28
N VAL A 65 -9.44 12.16 2.46
CA VAL A 65 -8.01 11.89 2.60
C VAL A 65 -7.88 10.55 3.30
N THR A 66 -7.24 9.58 2.64
CA THR A 66 -7.29 8.23 3.21
C THR A 66 -6.21 7.36 2.59
N TYR A 67 -5.80 6.35 3.35
CA TYR A 67 -5.18 5.15 2.79
C TYR A 67 -6.33 4.23 2.45
N GLY A 68 -6.76 4.26 1.18
CA GLY A 68 -8.10 3.83 0.83
C GLY A 68 -8.34 2.33 0.86
N GLY A 69 -9.58 1.99 1.22
CA GLY A 69 -10.09 0.64 1.16
C GLY A 69 -11.58 0.67 0.89
N PRO A 70 -12.32 -0.25 1.51
CA PRO A 70 -13.78 -0.29 1.29
C PRO A 70 -14.51 0.90 1.87
N ASP A 71 -13.87 1.66 2.76
CA ASP A 71 -14.44 2.95 3.19
C ASP A 71 -14.66 3.86 2.00
N LEU A 72 -13.62 4.04 1.19
CA LEU A 72 -13.73 4.89 0.01
C LEU A 72 -14.66 4.27 -1.02
N GLY A 73 -14.63 2.94 -1.17
CA GLY A 73 -15.56 2.29 -2.08
C GLY A 73 -17.01 2.55 -1.72
N LEU A 74 -17.36 2.38 -0.45
CA LEU A 74 -18.74 2.61 -0.05
C LEU A 74 -19.14 4.07 -0.27
N LEU A 75 -18.25 5.01 0.05
CA LEU A 75 -18.59 6.41 -0.20
C LEU A 75 -18.79 6.68 -1.69
N CYS A 76 -17.97 6.03 -2.54
CA CYS A 76 -18.14 6.20 -3.99
C CYS A 76 -19.45 5.59 -4.45
N SER A 77 -19.85 4.46 -3.85
CA SER A 77 -21.11 3.83 -4.24
C SER A 77 -22.30 4.76 -4.03
N ALA A 78 -22.18 5.73 -3.12
CA ALA A 78 -23.26 6.66 -2.83
C ALA A 78 -23.01 8.03 -3.44
N GLY A 79 -22.00 8.14 -4.31
CA GLY A 79 -21.71 9.41 -4.96
C GLY A 79 -21.31 10.52 -4.02
N LYS A 80 -20.70 10.19 -2.88
CA LYS A 80 -20.43 11.17 -1.85
C LYS A 80 -19.06 11.82 -1.98
N VAL A 81 -18.24 11.41 -2.95
CA VAL A 81 -16.84 11.85 -3.06
C VAL A 81 -16.71 12.74 -4.27
N THR A 82 -16.21 13.95 -4.06
CA THR A 82 -15.87 14.86 -5.15
C THR A 82 -14.38 14.82 -5.48
N LYS A 83 -13.54 14.73 -4.45
CA LYS A 83 -12.10 14.79 -4.61
C LYS A 83 -11.50 13.83 -3.59
N ALA A 84 -10.43 13.14 -3.99
CA ALA A 84 -9.82 12.16 -3.10
C ALA A 84 -8.31 12.31 -3.12
N TYR A 85 -7.72 12.38 -1.92
CA TYR A 85 -6.28 12.36 -1.69
C TYR A 85 -5.96 11.02 -1.06
N TYR A 86 -5.11 10.22 -1.72
CA TYR A 86 -4.85 8.87 -1.22
C TYR A 86 -3.50 8.38 -1.69
N GLY A 87 -2.92 7.45 -0.93
CA GLY A 87 -1.66 6.83 -1.30
C GLY A 87 -1.89 5.55 -2.08
N PHE A 88 -3.07 4.97 -1.91
CA PHE A 88 -3.48 3.77 -2.65
C PHE A 88 -4.95 3.54 -2.34
N VAL A 89 -5.56 2.63 -3.06
CA VAL A 89 -6.84 2.05 -2.68
C VAL A 89 -6.71 0.53 -2.82
N SER A 90 -6.92 -0.20 -1.74
CA SER A 90 -6.76 -1.64 -1.78
C SER A 90 -7.70 -2.31 -0.79
N LEU A 91 -8.23 -3.47 -1.21
CA LEU A 91 -8.98 -4.34 -0.31
C LEU A 91 -8.09 -5.32 0.44
N ASP A 92 -6.78 -5.34 0.14
CA ASP A 92 -5.79 -6.19 0.82
C ASP A 92 -5.87 -7.67 0.47
N SER A 93 -7.09 -8.16 0.22
CA SER A 93 -7.31 -9.50 -0.29
C SER A 93 -7.95 -9.40 -1.66
N ALA A 94 -7.94 -10.52 -2.39
CA ALA A 94 -8.60 -10.59 -3.69
C ALA A 94 -10.06 -10.14 -3.54
N PRO A 95 -10.57 -9.36 -4.51
CA PRO A 95 -9.98 -9.01 -5.80
C PRO A 95 -9.04 -7.81 -5.76
N PHE A 96 -8.63 -7.40 -4.56
CA PHE A 96 -7.59 -6.40 -4.34
C PHE A 96 -8.03 -4.98 -4.68
N TYR A 97 -8.49 -4.76 -5.90
CA TYR A 97 -8.95 -3.44 -6.28
C TYR A 97 -10.39 -3.26 -5.79
N ASP A 98 -10.68 -2.09 -5.23
CA ASP A 98 -12.05 -1.85 -4.82
C ASP A 98 -12.91 -1.52 -6.03
N PRO A 99 -13.99 -2.26 -6.28
CA PRO A 99 -14.74 -2.08 -7.53
C PRO A 99 -15.55 -0.80 -7.58
N TRP A 100 -15.93 -0.25 -6.43
CA TRP A 100 -16.67 1.02 -6.46
C TRP A 100 -15.75 2.20 -6.67
N PHE A 101 -14.57 2.20 -6.05
CA PHE A 101 -13.56 3.18 -6.41
C PHE A 101 -13.22 3.09 -7.90
N ALA A 102 -13.04 1.86 -8.41
CA ALA A 102 -12.72 1.70 -9.82
C ALA A 102 -13.82 2.28 -10.71
N LYS A 103 -15.08 2.04 -10.36
CA LYS A 103 -16.19 2.56 -11.15
CA LYS A 103 -16.17 2.56 -11.16
C LYS A 103 -16.19 4.09 -11.16
N ALA A 104 -15.97 4.71 -10.00
CA ALA A 104 -15.94 6.16 -9.94
C ALA A 104 -14.78 6.71 -10.76
N ARG A 105 -13.63 6.02 -10.75
CA ARG A 105 -12.47 6.47 -11.51
C ARG A 105 -12.71 6.35 -13.02
N THR A 106 -13.18 5.19 -13.47
CA THR A 106 -13.38 5.01 -14.90
C THR A 106 -14.51 5.88 -15.45
N ALA A 107 -15.41 6.33 -14.58
CA ALA A 107 -16.47 7.26 -14.97
C ALA A 107 -16.06 8.71 -14.82
N GLY A 108 -14.86 8.98 -14.32
CA GLY A 108 -14.44 10.35 -14.13
C GLY A 108 -15.24 11.11 -13.09
N GLU A 109 -15.79 10.41 -12.10
CA GLU A 109 -16.66 11.03 -11.12
C GLU A 109 -15.92 11.71 -9.98
N ILE A 110 -14.62 11.46 -9.83
CA ILE A 110 -13.86 12.06 -8.74
C ILE A 110 -12.59 12.68 -9.30
N ALA A 111 -12.20 13.82 -8.74
CA ALA A 111 -10.89 14.40 -9.04
C ALA A 111 -9.92 13.80 -8.04
N VAL A 112 -8.79 13.30 -8.52
CA VAL A 112 -7.85 12.61 -7.64
C VAL A 112 -6.58 13.41 -7.44
N ARG A 113 -6.11 13.43 -6.20
CA ARG A 113 -4.75 13.85 -5.87
C ARG A 113 -4.01 12.63 -5.32
N GLU A 114 -3.85 11.65 -6.18
CA GLU A 114 -3.12 10.44 -5.87
C GLU A 114 -1.67 10.79 -5.56
N MET A 115 -1.09 10.11 -4.59
CA MET A 115 0.26 10.46 -4.15
C MET A 115 0.97 9.22 -3.63
N ASP A 116 2.29 9.32 -3.51
CA ASP A 116 3.04 8.24 -2.89
C ASP A 116 2.52 8.01 -1.46
N ALA A 117 2.49 6.75 -1.03
CA ALA A 117 1.93 6.45 0.28
C ALA A 117 2.63 7.23 1.40
N GLY A 118 3.95 7.45 1.27
CA GLY A 118 4.65 8.21 2.30
C GLY A 118 4.28 9.67 2.33
N MET A 119 3.74 10.20 1.21
CA MET A 119 3.32 11.58 1.18
C MET A 119 2.07 11.82 2.03
N VAL A 120 1.21 10.81 2.18
CA VAL A 120 0.05 10.96 3.06
C VAL A 120 0.52 11.21 4.49
N LYS A 121 1.39 10.35 5.00
CA LYS A 121 1.93 10.52 6.34
C LYS A 121 2.57 11.90 6.48
N CYS A 122 3.36 12.29 5.49
CA CYS A 122 4.05 13.57 5.52
C CYS A 122 3.05 14.73 5.59
N GLY A 123 2.03 14.71 4.73
CA GLY A 123 1.05 15.78 4.73
C GLY A 123 0.27 15.87 6.03
N LEU A 124 -0.05 14.72 6.62
CA LEU A 124 -0.73 14.74 7.92
C LEU A 124 0.18 15.28 9.01
N GLU A 125 1.47 14.90 8.97
CA GLU A 125 2.42 15.44 9.92
C GLU A 125 2.55 16.95 9.80
N ALA A 126 2.54 17.48 8.57
CA ALA A 126 2.62 18.91 8.40
C ALA A 126 1.41 19.60 9.03
N ALA A 127 0.21 19.08 8.77
CA ALA A 127 -0.98 19.63 9.38
C ALA A 127 -0.94 19.54 10.90
N ALA A 128 -0.49 18.39 11.44
CA ALA A 128 -0.43 18.21 12.89
C ALA A 128 0.45 19.28 13.54
N ALA A 129 1.53 19.67 12.85
CA ALA A 129 2.45 20.69 13.35
C ALA A 129 2.07 22.11 12.92
N ARG A 130 0.92 22.29 12.27
CA ARG A 130 0.48 23.60 11.78
C ARG A 130 1.51 24.21 10.82
N LEU A 131 2.21 23.35 10.09
CA LEU A 131 3.15 23.82 9.09
C LEU A 131 2.52 23.80 7.70
N PRO A 132 2.91 24.71 6.81
CA PRO A 132 2.29 24.73 5.47
C PRO A 132 2.79 23.63 4.55
N PHE A 133 3.96 23.07 4.82
CA PHE A 133 4.51 22.00 4.01
C PHE A 133 5.57 21.28 4.82
N LEU A 134 5.93 20.09 4.35
CA LEU A 134 7.17 19.44 4.74
C LEU A 134 7.83 18.91 3.49
N PRO A 135 9.16 18.98 3.41
CA PRO A 135 9.86 18.50 2.21
C PRO A 135 9.94 16.98 2.24
N ILE A 136 9.93 16.39 1.06
CA ILE A 136 10.01 14.94 0.93
C ILE A 136 10.55 14.60 -0.45
N ARG A 137 11.29 13.50 -0.53
CA ARG A 137 11.82 13.06 -1.82
C ARG A 137 10.74 12.37 -2.66
N ALA A 138 9.93 11.54 -2.01
CA ALA A 138 8.90 10.77 -2.73
C ALA A 138 8.01 11.68 -3.55
N GLY A 139 7.77 11.27 -4.80
CA GLY A 139 7.00 12.08 -5.73
C GLY A 139 7.84 12.60 -6.87
N LEU A 140 9.10 12.97 -6.58
CA LEU A 140 9.98 13.50 -7.61
CA LEU A 140 9.99 13.51 -7.60
C LEU A 140 10.14 12.52 -8.75
N GLY A 141 10.04 13.03 -9.98
CA GLY A 141 10.25 12.21 -11.14
C GLY A 141 9.09 11.32 -11.54
N SER A 142 7.99 11.33 -10.78
CA SER A 142 6.87 10.44 -11.01
C SER A 142 5.64 11.22 -11.48
N ASP A 143 4.63 10.47 -11.89
CA ASP A 143 3.39 11.09 -12.31
C ASP A 143 2.56 11.62 -11.15
N VAL A 144 3.02 11.46 -9.91
CA VAL A 144 2.42 12.25 -8.83
C VAL A 144 2.38 13.72 -9.21
N ARG A 145 3.43 14.22 -9.87
CA ARG A 145 3.46 15.62 -10.29
C ARG A 145 2.28 15.96 -11.19
N ARG A 146 1.94 15.06 -12.10
CA ARG A 146 0.83 15.30 -13.04
C ARG A 146 -0.53 15.15 -12.42
N PHE A 147 -0.68 14.24 -11.46
CA PHE A 147 -1.95 14.16 -10.74
C PHE A 147 -2.29 15.48 -10.07
N TRP A 148 -1.28 16.20 -9.56
CA TRP A 148 -1.51 17.39 -8.76
C TRP A 148 -1.33 18.68 -9.53
N GLY A 149 -0.54 18.68 -10.61
CA GLY A 149 -0.22 19.95 -11.26
C GLY A 149 0.32 20.97 -10.29
N ASP A 150 -0.17 22.22 -10.42
CA ASP A 150 0.37 23.33 -9.63
C ASP A 150 -0.06 23.28 -8.16
N GLU A 151 -0.92 22.34 -7.77
CA GLU A 151 -1.21 22.15 -6.35
C GLU A 151 -0.02 21.55 -5.60
N LEU A 152 0.92 20.91 -6.31
CA LEU A 152 2.10 20.31 -5.71
C LEU A 152 3.32 21.02 -6.29
N ARG A 153 4.02 21.77 -5.44
CA ARG A 153 5.20 22.54 -5.81
C ARG A 153 6.43 21.95 -5.14
N THR A 154 7.60 22.40 -5.60
CA THR A 154 8.86 22.00 -4.99
C THR A 154 9.37 23.07 -4.04
N VAL A 155 10.37 22.70 -3.27
CA VAL A 155 11.07 23.63 -2.39
C VAL A 155 12.56 23.31 -2.46
N THR A 156 13.38 24.34 -2.57
CA THR A 156 14.83 24.17 -2.65
C THR A 156 15.48 24.41 -1.30
N SER A 157 16.40 23.53 -0.93
CA SER A 157 17.13 23.68 0.32
C SER A 157 17.92 24.98 0.32
N PRO A 158 17.86 25.77 1.40
CA PRO A 158 18.76 26.92 1.51
C PRO A 158 20.19 26.53 1.82
N TYR A 159 20.47 25.25 2.06
CA TYR A 159 21.83 24.76 2.29
C TYR A 159 22.21 23.87 1.13
N PRO A 160 23.21 24.21 0.33
CA PRO A 160 23.68 23.28 -0.69
C PRO A 160 24.31 22.07 -0.02
N ASP A 161 24.34 20.96 -0.76
CA ASP A 161 25.08 19.80 -0.31
CA ASP A 161 25.09 19.80 -0.31
C ASP A 161 26.58 20.11 -0.36
N ALA A 162 27.40 19.14 0.08
CA ALA A 162 28.83 19.36 0.14
C ALA A 162 29.41 19.74 -1.23
N SER A 163 28.88 19.14 -2.31
CA SER A 163 29.38 19.40 -3.66
C SER A 163 29.07 20.81 -4.15
N GLY A 164 28.22 21.55 -3.45
CA GLY A 164 27.80 22.85 -3.91
C GLY A 164 26.46 22.87 -4.61
N LYS A 165 25.81 21.72 -4.75
CA LYS A 165 24.52 21.64 -5.42
C LYS A 165 23.40 21.65 -4.37
N SER A 166 22.36 22.41 -4.64
CA SER A 166 21.22 22.50 -3.74
C SER A 166 20.13 21.53 -4.15
N GLU A 167 19.60 20.80 -3.18
CA GLU A 167 18.54 19.84 -3.45
C GLU A 167 17.21 20.55 -3.59
N THR A 168 16.43 20.13 -4.58
CA THR A 168 15.06 20.58 -4.75
C THR A 168 14.15 19.38 -4.51
N LEU A 169 13.25 19.51 -3.54
CA LEU A 169 12.43 18.41 -3.06
C LEU A 169 10.95 18.75 -3.25
N ILE A 170 10.09 17.73 -3.15
CA ILE A 170 8.66 17.99 -3.12
C ILE A 170 8.34 18.75 -1.85
N ALA A 171 7.56 19.82 -1.97
CA ALA A 171 6.99 20.48 -0.80
C ALA A 171 5.61 19.87 -0.61
N MET A 172 5.51 18.86 0.24
CA MET A 172 4.20 18.26 0.47
C MET A 172 3.34 19.23 1.26
N PRO A 173 2.23 19.71 0.72
CA PRO A 173 1.38 20.63 1.49
C PRO A 173 0.71 19.91 2.65
N ALA A 174 0.40 20.68 3.68
CA ALA A 174 -0.35 20.13 4.80
C ALA A 174 -1.70 19.58 4.35
N LEU A 175 -2.04 18.40 4.84
CA LEU A 175 -3.36 17.81 4.62
C LEU A 175 -4.27 18.17 5.79
N ASN A 176 -4.64 19.45 5.85
CA ASN A 176 -5.55 19.92 6.89
C ASN A 176 -6.93 19.34 6.65
N LEU A 177 -7.59 18.89 7.71
CA LEU A 177 -8.87 18.23 7.60
C LEU A 177 -9.94 18.97 8.40
N ASP A 178 -11.15 19.05 7.83
CA ASP A 178 -12.27 19.53 8.63
C ASP A 178 -12.64 18.52 9.69
N ALA A 179 -12.54 17.23 9.36
CA ALA A 179 -12.91 16.19 10.31
C ALA A 179 -12.06 14.95 10.09
N ALA A 180 -11.93 14.15 11.15
CA ALA A 180 -11.30 12.83 11.07
C ALA A 180 -12.26 11.81 11.67
N LEU A 181 -12.32 10.65 11.04
CA LEU A 181 -13.09 9.49 11.52
C LEU A 181 -12.10 8.35 11.69
N VAL A 182 -11.97 7.83 12.91
CA VAL A 182 -11.05 6.73 13.20
C VAL A 182 -11.75 5.73 14.11
N HIS A 183 -11.28 4.48 14.05
CA HIS A 183 -11.82 3.41 14.89
C HIS A 183 -10.68 2.76 15.66
N LEU A 184 -10.85 2.62 16.96
CA LEU A 184 -9.83 2.03 17.83
C LEU A 184 -10.44 0.93 18.70
N ASN A 185 -9.58 0.22 19.41
CA ASN A 185 -10.06 -0.96 20.12
C ASN A 185 -10.69 -0.64 21.47
N LEU A 186 -10.23 0.40 22.15
CA LEU A 186 -10.65 0.65 23.51
C LEU A 186 -10.51 2.14 23.76
N GLY A 187 -11.43 2.70 24.54
CA GLY A 187 -11.32 4.12 24.87
C GLY A 187 -12.23 4.46 26.02
N ASP A 188 -12.01 5.66 26.57
CA ASP A 188 -12.85 6.19 27.64
C ASP A 188 -13.80 7.26 27.08
N LYS A 189 -14.70 7.75 27.94
CA LYS A 189 -15.70 8.71 27.50
C LYS A 189 -15.12 10.08 27.22
N HIS A 190 -13.83 10.29 27.49
CA HIS A 190 -13.18 11.57 27.26
C HIS A 190 -12.31 11.59 26.01
N GLY A 191 -12.15 10.45 25.34
CA GLY A 191 -11.35 10.39 24.14
C GLY A 191 -9.97 9.78 24.30
N ASN A 192 -9.52 9.47 25.52
CA ASN A 192 -8.33 8.64 25.62
C ASN A 192 -8.61 7.31 24.97
N ALA A 193 -7.70 6.84 24.12
CA ALA A 193 -8.01 5.65 23.33
C ALA A 193 -6.75 4.91 22.92
N ALA A 194 -6.91 3.61 22.71
CA ALA A 194 -5.79 2.72 22.45
C ALA A 194 -6.10 1.78 21.29
N TYR A 195 -5.05 1.37 20.60
CA TYR A 195 -5.09 0.23 19.71
C TYR A 195 -4.50 -0.99 20.40
N THR A 196 -4.99 -2.15 19.99
CA THR A 196 -4.43 -3.44 20.34
C THR A 196 -4.10 -4.14 19.03
N GLY A 197 -3.01 -4.87 19.03
CA GLY A 197 -2.53 -5.48 17.82
C GLY A 197 -1.21 -4.86 17.39
N VAL A 198 -0.84 -5.15 16.15
CA VAL A 198 0.54 -4.89 15.72
C VAL A 198 0.76 -3.51 15.11
N ASP A 199 -0.29 -2.73 14.86
CA ASP A 199 -0.06 -1.49 14.12
C ASP A 199 -1.08 -0.42 14.51
N PRO A 200 -0.62 0.76 14.93
CA PRO A 200 -1.55 1.89 15.14
C PRO A 200 -2.04 2.50 13.85
N TYR A 201 -1.46 2.13 12.70
CA TYR A 201 -1.66 2.85 11.45
C TYR A 201 -1.31 4.31 11.69
N PHE A 202 -2.18 5.27 11.34
CA PHE A 202 -1.86 6.68 11.41
C PHE A 202 -3.00 7.44 12.06
N ASP A 203 -3.78 6.75 12.90
CA ASP A 203 -5.02 7.36 13.39
C ASP A 203 -4.74 8.57 14.29
N ASP A 204 -3.62 8.55 15.01
CA ASP A 204 -3.23 9.72 15.78
C ASP A 204 -2.98 10.92 14.88
N LEU A 205 -2.30 10.70 13.74
CA LEU A 205 -2.03 11.79 12.82
C LEU A 205 -3.31 12.34 12.19
N TYR A 206 -4.26 11.48 11.84
CA TYR A 206 -5.53 11.97 11.31
C TYR A 206 -6.22 12.86 12.32
N CYS A 207 -6.26 12.45 13.58
CA CYS A 207 -6.89 13.30 14.60
C CYS A 207 -6.13 14.60 14.76
N ALA A 208 -4.80 14.54 14.79
CA ALA A 208 -4.00 15.74 14.99
C ALA A 208 -4.13 16.72 13.82
N ALA A 209 -4.47 16.24 12.64
CA ALA A 209 -4.58 17.08 11.44
C ALA A 209 -5.97 17.68 11.26
N ALA A 210 -6.93 17.37 12.13
CA ALA A 210 -8.33 17.69 11.90
C ALA A 210 -8.87 18.67 12.91
N GLU A 211 -9.95 19.34 12.53
CA GLU A 211 -10.67 20.25 13.42
C GLU A 211 -11.64 19.49 14.32
N LYS A 212 -12.46 18.62 13.74
CA LYS A 212 -13.44 17.82 14.48
C LYS A 212 -13.06 16.35 14.40
N ARG A 213 -12.97 15.68 15.54
CA ARG A 213 -12.38 14.35 15.60
C ARG A 213 -13.36 13.38 16.24
N PHE A 214 -13.73 12.33 15.53
CA PHE A 214 -14.65 11.32 16.03
C PHE A 214 -13.96 9.97 16.04
N VAL A 215 -13.92 9.32 17.20
CA VAL A 215 -13.34 7.99 17.35
C VAL A 215 -14.46 7.04 17.74
N SER A 216 -14.64 5.99 16.95
CA SER A 216 -15.46 4.87 17.38
C SER A 216 -14.54 3.84 18.01
N VAL A 217 -15.03 3.15 19.04
CA VAL A 217 -14.23 2.16 19.76
C VAL A 217 -15.05 0.89 19.95
N GLU A 218 -14.37 -0.25 20.03
CA GLU A 218 -15.08 -1.51 20.30
C GLU A 218 -15.81 -1.46 21.63
N ARG A 219 -15.22 -0.82 22.63
CA ARG A 219 -15.80 -0.77 23.97
C ARG A 219 -15.31 0.50 24.65
N VAL A 220 -16.23 1.17 25.35
CA VAL A 220 -15.90 2.29 26.20
C VAL A 220 -15.74 1.78 27.62
N VAL A 221 -14.63 2.14 28.25
CA VAL A 221 -14.31 1.72 29.61
C VAL A 221 -13.90 2.97 30.40
N GLU A 222 -13.85 2.83 31.73
N GLU A 222 -13.78 2.79 31.71
CA GLU A 222 -13.33 3.95 32.50
CA GLU A 222 -13.26 3.83 32.58
C GLU A 222 -11.83 4.10 32.27
C GLU A 222 -11.79 4.07 32.27
N THR A 223 -11.34 5.32 32.50
CA THR A 223 -9.94 5.64 32.22
C THR A 223 -8.99 4.65 32.90
N GLU A 224 -9.27 4.35 34.18
CA GLU A 224 -8.35 3.48 34.88
C GLU A 224 -8.35 2.07 34.30
N GLU A 225 -9.48 1.59 33.82
CA GLU A 225 -9.49 0.31 33.14
C GLU A 225 -8.68 0.36 31.85
N LEU A 226 -8.84 1.44 31.09
CA LEU A 226 -8.08 1.59 29.84
C LEU A 226 -6.57 1.49 30.08
N VAL A 227 -6.05 2.28 31.03
CA VAL A 227 -4.61 2.38 31.20
C VAL A 227 -4.04 1.13 31.86
N LYS A 228 -4.87 0.34 32.54
CA LYS A 228 -4.38 -0.92 33.09
C LYS A 228 -4.48 -2.08 32.11
N THR A 229 -5.13 -1.89 30.96
CA THR A 229 -5.32 -2.95 29.97
C THR A 229 -4.24 -2.97 28.90
N VAL A 230 -3.69 -1.81 28.56
CA VAL A 230 -2.72 -1.72 27.45
C VAL A 230 -1.46 -1.03 27.96
N PRO A 231 -0.32 -1.26 27.29
CA PRO A 231 0.88 -0.51 27.64
C PRO A 231 0.74 0.96 27.28
N LEU A 232 1.58 1.76 27.93
CA LEU A 232 1.59 3.21 27.71
C LEU A 232 1.63 3.54 26.23
N GLN A 233 2.47 2.82 25.48
CA GLN A 233 2.74 3.16 24.10
C GLN A 233 1.54 2.97 23.19
N ASN A 234 0.54 2.22 23.65
CA ASN A 234 -0.65 1.97 22.86
C ASN A 234 -1.70 3.07 23.05
N LEU A 235 -1.48 3.98 24.00
CA LEU A 235 -2.43 5.07 24.26
C LEU A 235 -2.17 6.19 23.26
N ILE A 236 -2.68 6.01 22.04
CA ILE A 236 -2.32 6.91 20.96
C ILE A 236 -3.18 8.16 20.87
N LEU A 237 -4.37 8.18 21.47
CA LEU A 237 -5.16 9.41 21.54
C LEU A 237 -5.27 9.86 22.98
N ASN A 238 -5.06 11.16 23.20
CA ASN A 238 -5.34 11.81 24.47
C ASN A 238 -6.55 12.73 24.30
N ARG A 239 -6.97 13.38 25.39
CA ARG A 239 -8.24 14.10 25.36
C ARG A 239 -8.21 15.29 24.42
N MET A 240 -7.03 15.85 24.12
CA MET A 240 -6.92 16.99 23.21
C MET A 240 -7.04 16.60 21.76
N MET A 241 -7.22 15.32 21.48
CA MET A 241 -7.23 14.83 20.10
C MET A 241 -8.59 14.31 19.66
N VAL A 242 -9.62 14.41 20.49
CA VAL A 242 -10.91 13.76 20.25
C VAL A 242 -12.02 14.71 20.65
N ASP A 243 -13.06 14.80 19.82
CA ASP A 243 -14.25 15.57 20.18
C ASP A 243 -15.47 14.72 20.46
N GLY A 244 -15.60 13.55 19.84
CA GLY A 244 -16.70 12.67 20.15
C GLY A 244 -16.22 11.22 20.15
N VAL A 245 -16.83 10.44 21.05
CA VAL A 245 -16.51 9.03 21.24
C VAL A 245 -17.78 8.21 20.98
N VAL A 246 -17.68 7.24 20.08
CA VAL A 246 -18.80 6.37 19.73
C VAL A 246 -18.46 4.95 20.14
N GLU A 247 -19.33 4.31 20.92
CA GLU A 247 -19.15 2.90 21.22
C GLU A 247 -19.78 2.09 20.09
N ALA A 248 -18.94 1.36 19.34
CA ALA A 248 -19.39 0.63 18.16
C ALA A 248 -18.70 -0.73 18.13
N PRO A 249 -19.23 -1.71 18.88
CA PRO A 249 -18.70 -3.08 18.80
C PRO A 249 -18.83 -3.62 17.39
N ASN A 250 -17.75 -4.28 16.92
CA ASN A 250 -17.65 -4.75 15.55
C ASN A 250 -17.74 -3.61 14.55
N GLY A 251 -17.37 -2.40 15.00
CA GLY A 251 -17.53 -1.19 14.21
C GLY A 251 -16.51 -1.02 13.10
N ALA A 252 -15.55 -1.94 12.98
CA ALA A 252 -14.65 -1.97 11.83
C ALA A 252 -15.06 -3.01 10.79
N HIS A 253 -16.05 -3.85 11.08
CA HIS A 253 -16.46 -4.88 10.13
C HIS A 253 -16.85 -4.21 8.80
N PHE A 254 -16.38 -4.70 7.65
CA PHE A 254 -15.74 -6.00 7.48
C PHE A 254 -14.21 -5.98 7.37
N THR A 255 -13.57 -4.90 7.84
CA THR A 255 -12.12 -4.87 7.87
C THR A 255 -11.59 -5.50 9.16
N LEU A 256 -10.30 -5.80 9.20
CA LEU A 256 -9.73 -6.37 10.43
C LEU A 256 -9.60 -5.31 11.53
N ALA A 257 -9.34 -5.76 12.75
CA ALA A 257 -9.29 -4.81 13.86
C ALA A 257 -8.30 -5.27 14.94
N GLY A 258 -7.05 -5.45 14.54
CA GLY A 258 -6.02 -5.79 15.51
C GLY A 258 -6.37 -7.06 16.25
N ASP A 259 -6.25 -7.01 17.58
CA ASP A 259 -6.53 -8.17 18.44
C ASP A 259 -8.02 -8.49 18.56
N SER A 260 -8.91 -7.58 18.16
CA SER A 260 -10.34 -7.81 18.39
C SER A 260 -10.91 -8.84 17.45
N TYR A 261 -10.58 -8.75 16.16
CA TYR A 261 -11.03 -9.71 15.17
C TYR A 261 -10.23 -9.50 13.89
N GLY A 262 -10.20 -10.54 13.07
CA GLY A 262 -9.63 -10.45 11.73
C GLY A 262 -10.64 -9.96 10.71
N ARG A 263 -10.20 -9.93 9.45
CA ARG A 263 -11.07 -9.50 8.37
C ARG A 263 -12.13 -10.56 8.09
N ASP A 264 -13.35 -10.11 7.82
CA ASP A 264 -14.41 -11.03 7.37
C ASP A 264 -14.22 -11.21 5.88
N GLU A 265 -13.34 -12.17 5.51
CA GLU A 265 -12.95 -12.32 4.12
C GLU A 265 -14.13 -12.71 3.24
N LYS A 266 -14.97 -13.64 3.72
CA LYS A 266 -16.13 -14.06 2.94
C LYS A 266 -17.08 -12.90 2.70
N PHE A 267 -17.30 -12.05 3.70
CA PHE A 267 -18.21 -10.94 3.50
C PHE A 267 -17.61 -9.88 2.61
N GLN A 268 -16.32 -9.61 2.73
CA GLN A 268 -15.70 -8.65 1.82
C GLN A 268 -15.82 -9.11 0.38
N ARG A 269 -15.62 -10.40 0.14
CA ARG A 269 -15.84 -10.94 -1.20
C ARG A 269 -17.27 -10.69 -1.66
N HIS A 270 -18.25 -10.85 -0.77
CA HIS A 270 -19.64 -10.61 -1.14
C HIS A 270 -19.89 -9.14 -1.47
N TYR A 271 -19.30 -8.23 -0.69
CA TYR A 271 -19.36 -6.81 -1.01
C TYR A 271 -18.83 -6.54 -2.41
N ALA A 272 -17.64 -7.08 -2.72
CA ALA A 272 -17.01 -6.80 -4.01
C ALA A 272 -17.82 -7.37 -5.16
N GLU A 273 -18.26 -8.63 -5.02
CA GLU A 273 -19.06 -9.24 -6.08
CA GLU A 273 -19.06 -9.26 -6.06
C GLU A 273 -20.42 -8.57 -6.22
N SER A 274 -20.95 -8.00 -5.15
CA SER A 274 -22.25 -7.34 -5.26
C SER A 274 -22.18 -6.05 -6.05
N ALA A 275 -20.99 -5.45 -6.20
CA ALA A 275 -20.82 -4.23 -6.95
C ALA A 275 -20.88 -4.44 -8.47
N LYS A 276 -20.90 -5.68 -8.95
CA LYS A 276 -20.75 -5.92 -10.38
C LYS A 276 -21.98 -5.52 -11.18
N THR A 277 -23.18 -5.69 -10.63
CA THR A 277 -24.37 -5.35 -11.40
C THR A 277 -25.29 -4.45 -10.59
N PRO A 278 -26.08 -3.62 -11.27
CA PRO A 278 -27.10 -2.85 -10.53
C PRO A 278 -27.98 -3.75 -9.70
N GLN A 279 -28.27 -4.94 -10.22
CA GLN A 279 -29.12 -5.88 -9.52
CA GLN A 279 -29.12 -5.88 -9.52
C GLN A 279 -28.47 -6.39 -8.23
N ALA A 280 -27.22 -6.83 -8.33
CA ALA A 280 -26.55 -7.33 -7.13
C ALA A 280 -26.40 -6.23 -6.08
N TRP A 281 -26.23 -4.99 -6.50
CA TRP A 281 -26.00 -3.92 -5.54
C TRP A 281 -27.28 -3.50 -4.81
N GLN A 282 -28.42 -3.40 -5.51
CA GLN A 282 -29.65 -3.06 -4.80
CA GLN A 282 -29.69 -3.11 -4.85
C GLN A 282 -29.97 -4.10 -3.74
N GLN A 283 -29.67 -5.38 -3.99
CA GLN A 283 -29.92 -6.41 -2.99
C GLN A 283 -28.97 -6.26 -1.81
N PHE A 284 -27.71 -5.96 -2.08
CA PHE A 284 -26.76 -5.70 -0.99
C PHE A 284 -27.22 -4.51 -0.16
N VAL A 285 -27.64 -3.43 -0.83
CA VAL A 285 -28.15 -2.26 -0.13
C VAL A 285 -29.38 -2.61 0.70
N ALA A 286 -30.33 -3.34 0.10
CA ALA A 286 -31.55 -3.69 0.80
C ALA A 286 -31.26 -4.51 2.05
N THR A 287 -30.30 -5.43 1.96
CA THR A 287 -30.03 -6.33 3.08
C THR A 287 -29.15 -5.69 4.14
N TYR A 288 -28.15 -4.91 3.74
CA TYR A 288 -27.10 -4.47 4.67
C TYR A 288 -27.08 -2.98 4.96
N LEU A 289 -27.51 -2.13 4.03
CA LEU A 289 -27.25 -0.70 4.15
C LEU A 289 -28.52 0.14 4.23
N SER A 290 -29.68 -0.47 4.50
CA SER A 290 -30.95 0.26 4.48
C SER A 290 -31.55 0.42 5.88
N GLY A 291 -30.84 0.00 6.92
CA GLY A 291 -31.31 0.11 8.29
C GLY A 291 -30.24 0.72 9.18
N SER A 292 -30.26 0.32 10.45
CA SER A 292 -29.33 0.82 11.45
C SER A 292 -28.04 -0.02 11.45
N GLU A 293 -27.08 0.40 12.28
CA GLU A 293 -25.90 -0.42 12.51
C GLU A 293 -26.27 -1.77 13.10
N ASP A 294 -27.24 -1.79 14.03
CA ASP A 294 -27.69 -3.06 14.59
C ASP A 294 -28.28 -3.96 13.51
N ASP A 295 -29.04 -3.39 12.57
CA ASP A 295 -29.57 -4.18 11.46
C ASP A 295 -28.45 -4.74 10.61
N TYR A 296 -27.43 -3.91 10.32
CA TYR A 296 -26.28 -4.40 9.57
C TYR A 296 -25.61 -5.55 10.30
N GLN A 297 -25.38 -5.39 11.61
CA GLN A 297 -24.67 -6.40 12.38
C GLN A 297 -25.46 -7.71 12.42
N ALA A 298 -26.78 -7.61 12.55
CA ALA A 298 -27.59 -8.82 12.52
C ALA A 298 -27.51 -9.52 11.16
N ALA A 299 -27.54 -8.74 10.08
CA ALA A 299 -27.50 -9.34 8.76
C ALA A 299 -26.14 -9.96 8.47
N VAL A 300 -25.09 -9.34 8.96
CA VAL A 300 -23.75 -9.89 8.78
C VAL A 300 -23.61 -11.20 9.54
N LYS A 301 -24.18 -11.27 10.74
CA LYS A 301 -24.14 -12.52 11.50
C LYS A 301 -24.90 -13.62 10.78
N LYS A 302 -26.05 -13.29 10.20
CA LYS A 302 -26.83 -14.27 9.46
C LYS A 302 -26.07 -14.76 8.23
N PHE A 303 -25.38 -13.86 7.53
CA PHE A 303 -24.58 -14.25 6.37
C PHE A 303 -23.51 -15.26 6.76
N ALA A 304 -22.80 -15.00 7.86
CA ALA A 304 -21.76 -15.94 8.31
C ALA A 304 -22.34 -17.32 8.59
N GLU A 305 -23.52 -17.38 9.21
CA GLU A 305 -24.14 -18.66 9.50
C GLU A 305 -24.54 -19.37 8.21
N GLU A 306 -25.06 -18.64 7.23
CA GLU A 306 -25.53 -19.24 5.99
C GLU A 306 -24.38 -19.81 5.16
N GLN A 307 -23.24 -19.14 5.17
CA GLN A 307 -22.13 -19.48 4.29
C GLN A 307 -21.14 -20.45 4.92
N ALA A 308 -21.47 -21.01 6.07
CA ALA A 308 -20.68 -22.08 6.65
C ALA A 308 -20.94 -23.37 5.87
N THR B 6 20.06 -33.57 -11.90
CA THR B 6 19.12 -32.59 -11.37
C THR B 6 18.28 -31.96 -12.47
N GLU B 7 16.98 -32.26 -12.46
CA GLU B 7 16.02 -31.55 -13.29
C GLU B 7 15.56 -30.32 -12.52
N VAL B 8 15.74 -29.15 -13.12
CA VAL B 8 15.41 -27.88 -12.48
C VAL B 8 14.26 -27.25 -13.27
N THR B 9 13.22 -26.81 -12.55
CA THR B 9 12.07 -26.21 -13.21
C THR B 9 12.30 -24.73 -13.47
N ARG B 10 11.47 -24.18 -14.36
CA ARG B 10 11.55 -22.75 -14.65
C ARG B 10 11.38 -21.92 -13.38
N ALA B 11 10.42 -22.30 -12.53
CA ALA B 11 10.22 -21.54 -11.29
C ALA B 11 11.44 -21.62 -10.37
N GLU B 12 12.17 -22.73 -10.40
CA GLU B 12 13.36 -22.84 -9.56
C GLU B 12 14.48 -21.93 -10.06
N TYR B 13 14.64 -21.81 -11.38
CA TYR B 13 15.57 -20.79 -11.89
C TYR B 13 15.12 -19.39 -11.50
N CYS B 14 13.82 -19.13 -11.55
CA CYS B 14 13.34 -17.80 -11.16
C CYS B 14 13.63 -17.52 -9.70
N ALA B 15 13.51 -18.55 -8.86
CA ALA B 15 13.76 -18.38 -7.43
C ALA B 15 15.21 -18.01 -7.14
N ILE B 16 16.16 -18.72 -7.76
CA ILE B 16 17.57 -18.36 -7.54
C ILE B 16 17.91 -17.01 -8.15
N ALA B 17 17.28 -16.66 -9.28
CA ALA B 17 17.50 -15.32 -9.83
C ALA B 17 17.00 -14.24 -8.89
N CYS B 18 15.87 -14.50 -8.23
CA CYS B 18 15.38 -13.54 -7.24
C CYS B 18 16.28 -13.48 -6.02
N ALA B 19 16.91 -14.59 -5.64
CA ALA B 19 17.92 -14.52 -4.57
C ALA B 19 19.09 -13.66 -5.01
N ASP B 20 19.53 -13.83 -6.26
CA ASP B 20 20.69 -13.08 -6.75
C ASP B 20 20.44 -11.58 -6.78
N ILE B 21 19.17 -11.14 -6.79
CA ILE B 21 18.87 -9.72 -6.69
C ILE B 21 19.59 -9.11 -5.50
N PHE B 22 19.67 -9.85 -4.40
CA PHE B 22 20.17 -9.35 -3.12
C PHE B 22 21.64 -9.63 -2.91
N SER B 23 22.34 -10.14 -3.91
N SER B 23 22.34 -10.13 -3.91
CA SER B 23 23.77 -10.37 -3.78
CA SER B 23 23.77 -10.38 -3.77
C SER B 23 24.49 -9.07 -3.45
C SER B 23 24.51 -9.09 -3.46
N GLY B 24 25.23 -9.07 -2.35
CA GLY B 24 25.94 -7.89 -1.93
C GLY B 24 25.10 -6.86 -1.20
N ALA B 25 23.86 -7.19 -0.86
CA ALA B 25 22.95 -6.19 -0.28
C ALA B 25 23.36 -5.78 1.11
N GLY B 26 23.96 -6.70 1.89
CA GLY B 26 24.37 -6.36 3.23
C GLY B 26 23.19 -6.29 4.19
N GLU B 27 23.30 -5.37 5.15
CA GLU B 27 22.40 -5.31 6.28
C GLU B 27 21.29 -4.28 5.99
N ILE B 28 20.42 -4.66 5.06
CA ILE B 28 19.33 -3.80 4.61
C ILE B 28 18.03 -4.60 4.65
N MET B 29 16.93 -3.87 4.54
CA MET B 29 15.61 -4.50 4.55
CA MET B 29 15.62 -4.51 4.54
C MET B 29 15.28 -5.02 3.16
N ALA B 30 15.10 -6.33 3.03
CA ALA B 30 14.63 -6.93 1.78
C ALA B 30 13.12 -6.95 1.81
N SER B 31 12.50 -6.30 0.83
CA SER B 31 11.03 -6.17 0.79
C SER B 31 10.48 -6.72 -0.52
N PRO B 32 10.44 -8.04 -0.66
CA PRO B 32 9.79 -8.64 -1.84
C PRO B 32 8.28 -8.53 -1.71
N MET B 33 7.61 -8.23 -2.83
CA MET B 33 6.18 -8.00 -2.85
CA MET B 33 6.18 -8.01 -2.84
C MET B 33 5.43 -9.04 -3.68
N ALA B 34 6.01 -10.21 -3.87
CA ALA B 34 5.37 -11.31 -4.59
C ALA B 34 6.05 -12.60 -4.16
N THR B 35 5.40 -13.72 -4.42
CA THR B 35 5.87 -15.01 -3.88
C THR B 35 7.27 -15.38 -4.37
N LEU B 36 7.54 -15.29 -5.69
CA LEU B 36 8.88 -15.65 -6.15
C LEU B 36 9.96 -14.78 -5.55
N PRO B 37 9.87 -13.45 -5.60
CA PRO B 37 10.87 -12.63 -4.91
C PRO B 37 10.96 -12.93 -3.44
N LEU B 38 9.84 -13.32 -2.80
CA LEU B 38 9.86 -13.65 -1.38
C LEU B 38 10.70 -14.89 -1.13
N ILE B 39 10.48 -15.94 -1.91
CA ILE B 39 11.32 -17.13 -1.82
C ILE B 39 12.77 -16.75 -2.07
N GLY B 40 13.00 -15.90 -3.08
CA GLY B 40 14.36 -15.48 -3.39
C GLY B 40 15.05 -14.75 -2.26
N ALA B 41 14.36 -13.78 -1.66
CA ALA B 41 14.95 -13.03 -0.55
C ALA B 41 15.27 -13.94 0.61
N ARG B 42 14.34 -14.84 0.95
CA ARG B 42 14.58 -15.75 2.05
C ARG B 42 15.67 -16.76 1.73
N LEU B 43 15.76 -17.20 0.47
CA LEU B 43 16.85 -18.07 0.06
C LEU B 43 18.21 -17.37 0.18
N ALA B 44 18.29 -16.11 -0.24
CA ALA B 44 19.52 -15.35 -0.03
C ALA B 44 19.86 -15.27 1.45
N ARG B 45 18.85 -15.02 2.30
CA ARG B 45 19.11 -14.88 3.72
C ARG B 45 19.66 -16.17 4.32
N LEU B 46 19.25 -17.32 3.80
CA LEU B 46 19.71 -18.60 4.32
C LEU B 46 21.02 -19.07 3.68
N THR B 47 21.54 -18.33 2.71
CA THR B 47 22.77 -18.74 2.03
C THR B 47 23.86 -17.69 2.20
N THR B 48 23.83 -16.65 1.38
CA THR B 48 24.95 -15.72 1.33
C THR B 48 24.65 -14.32 1.86
N GLU B 49 23.43 -14.04 2.29
CA GLU B 49 23.06 -12.72 2.81
C GLU B 49 22.34 -12.84 4.15
N PRO B 50 22.98 -13.41 5.18
CA PRO B 50 22.29 -13.60 6.46
C PRO B 50 21.90 -12.31 7.16
N ASP B 51 22.53 -11.19 6.82
CA ASP B 51 22.24 -9.94 7.51
C ASP B 51 21.03 -9.20 6.95
N LEU B 52 20.38 -9.71 5.90
CA LEU B 52 19.16 -9.08 5.43
C LEU B 52 18.14 -9.03 6.55
N LEU B 53 17.38 -7.94 6.59
CA LEU B 53 16.17 -7.88 7.40
C LEU B 53 14.98 -8.26 6.54
N ILE B 54 14.06 -9.02 7.12
CA ILE B 54 12.83 -9.40 6.44
C ILE B 54 11.68 -9.29 7.43
N THR B 55 10.48 -9.10 6.90
CA THR B 55 9.28 -8.98 7.73
C THR B 55 8.25 -10.02 7.33
N ASP B 56 7.18 -10.06 8.12
CA ASP B 56 6.02 -10.88 7.79
C ASP B 56 5.08 -10.20 6.80
N GLY B 57 5.51 -9.09 6.19
CA GLY B 57 4.68 -8.36 5.26
C GLY B 57 3.60 -7.53 5.92
N GLU B 58 3.53 -7.54 7.25
CA GLU B 58 2.52 -6.79 7.98
C GLU B 58 3.16 -5.81 8.95
N ALA B 59 3.88 -6.30 9.97
CA ALA B 59 4.44 -5.39 10.97
C ALA B 59 5.56 -6.00 11.83
N LEU B 60 5.95 -7.25 11.58
CA LEU B 60 6.91 -7.92 12.45
C LEU B 60 8.18 -8.22 11.67
N ILE B 61 9.34 -7.92 12.27
CA ILE B 61 10.63 -8.28 11.67
C ILE B 61 10.99 -9.68 12.15
N PHE B 62 11.29 -10.58 11.22
CA PHE B 62 11.59 -11.97 11.59
C PHE B 62 13.03 -12.14 12.03
N ALA B 63 13.24 -12.87 13.13
CA ALA B 63 14.59 -13.29 13.47
C ALA B 63 15.05 -14.40 12.54
N ASP B 64 14.32 -15.52 12.50
CA ASP B 64 14.65 -16.62 11.64
C ASP B 64 13.96 -16.47 10.29
N THR B 65 14.30 -17.36 9.36
CA THR B 65 13.76 -17.28 8.01
C THR B 65 12.70 -18.36 7.85
N PRO B 66 11.43 -18.04 7.77
CA PRO B 66 10.40 -19.07 7.71
C PRO B 66 10.02 -19.47 6.29
N ALA B 67 9.33 -20.60 6.20
CA ALA B 67 8.74 -21.02 4.94
C ALA B 67 7.67 -20.02 4.52
N VAL B 68 7.32 -20.05 3.23
CA VAL B 68 6.25 -19.20 2.71
C VAL B 68 5.00 -19.39 3.54
N GLY B 69 4.43 -18.27 4.01
CA GLY B 69 3.20 -18.28 4.77
C GLY B 69 3.33 -18.68 6.22
N ALA B 70 4.52 -19.00 6.70
CA ALA B 70 4.70 -19.44 8.07
C ALA B 70 5.16 -18.29 8.96
N LYS B 71 4.89 -18.44 10.25
CA LYS B 71 5.43 -17.54 11.24
C LYS B 71 6.85 -17.98 11.61
N ALA B 72 7.58 -17.05 12.23
CA ALA B 72 8.89 -17.36 12.78
C ALA B 72 9.11 -16.47 13.98
N PRO B 73 10.04 -16.82 14.87
CA PRO B 73 10.37 -15.91 15.98
C PRO B 73 10.81 -14.57 15.43
N ILE B 74 10.48 -13.52 16.17
CA ILE B 74 10.66 -12.15 15.68
C ILE B 74 11.89 -11.50 16.32
N GLU B 75 12.33 -10.40 15.71
CA GLU B 75 13.45 -9.63 16.25
C GLU B 75 13.17 -8.15 16.34
N GLY B 76 12.00 -7.68 15.91
CA GLY B 76 11.73 -6.26 15.93
C GLY B 76 10.36 -5.93 15.38
N TRP B 77 10.08 -4.63 15.35
CA TRP B 77 8.75 -4.09 15.01
C TRP B 77 8.87 -3.21 13.79
N MET B 78 7.97 -3.38 12.83
CA MET B 78 8.02 -2.62 11.58
C MET B 78 6.60 -2.30 11.10
N PRO B 79 5.85 -1.53 11.88
CA PRO B 79 4.54 -1.05 11.42
C PRO B 79 4.71 -0.11 10.24
N PHE B 80 3.59 0.20 9.57
CA PHE B 80 3.69 0.97 8.32
C PHE B 80 4.37 2.32 8.53
N ARG B 81 4.11 3.01 9.65
CA ARG B 81 4.75 4.31 9.84
C ARG B 81 6.27 4.19 9.88
N LYS B 82 6.78 3.08 10.42
CA LYS B 82 8.22 2.86 10.45
CA LYS B 82 8.22 2.86 10.45
C LYS B 82 8.75 2.45 9.08
N VAL B 83 7.95 1.75 8.27
CA VAL B 83 8.39 1.44 6.91
C VAL B 83 8.77 2.72 6.16
N PHE B 84 7.96 3.78 6.31
CA PHE B 84 8.29 5.04 5.66
C PHE B 84 9.63 5.60 6.15
N ASP B 85 9.95 5.41 7.43
CA ASP B 85 11.27 5.81 7.90
C ASP B 85 12.36 4.98 7.23
N VAL B 86 12.13 3.68 7.07
CA VAL B 86 13.13 2.84 6.40
C VAL B 86 13.32 3.28 4.95
N VAL B 87 12.21 3.50 4.22
CA VAL B 87 12.30 3.99 2.86
C VAL B 87 13.18 5.23 2.79
N ALA B 88 12.88 6.21 3.64
CA ALA B 88 13.60 7.48 3.58
C ALA B 88 15.06 7.32 3.98
N SER B 89 15.38 6.32 4.80
CA SER B 89 16.76 6.06 5.21
C SER B 89 17.60 5.45 4.09
N GLY B 90 16.94 4.88 3.08
CA GLY B 90 17.61 4.22 1.98
C GLY B 90 18.04 2.78 2.22
N ARG B 91 17.88 2.27 3.44
CA ARG B 91 18.44 0.97 3.81
C ARG B 91 17.48 -0.16 3.47
N ARG B 92 17.22 -0.32 2.17
CA ARG B 92 16.14 -1.20 1.73
C ARG B 92 16.34 -1.53 0.26
N HIS B 93 15.85 -2.71 -0.14
CA HIS B 93 15.78 -3.10 -1.54
C HIS B 93 14.41 -3.77 -1.72
N VAL B 94 13.55 -3.13 -2.49
CA VAL B 94 12.19 -3.63 -2.71
C VAL B 94 12.17 -4.39 -4.02
N VAL B 95 11.34 -5.43 -4.10
CA VAL B 95 11.03 -6.06 -5.38
C VAL B 95 9.53 -5.91 -5.61
N MET B 96 9.17 -5.06 -6.56
CA MET B 96 7.76 -4.81 -6.89
C MET B 96 7.34 -5.61 -8.11
N GLY B 97 6.03 -5.83 -8.23
CA GLY B 97 5.45 -6.23 -9.48
C GLY B 97 5.22 -5.02 -10.37
N ALA B 98 4.59 -5.26 -11.53
CA ALA B 98 4.43 -4.18 -12.49
C ALA B 98 3.38 -4.55 -13.51
N ASN B 99 2.46 -3.62 -13.78
CA ASN B 99 1.57 -3.75 -14.92
C ASN B 99 2.26 -3.36 -16.23
N GLN B 100 3.17 -2.39 -16.17
CA GLN B 100 3.97 -1.96 -17.31
C GLN B 100 5.36 -1.58 -16.84
N ILE B 101 6.36 -1.88 -17.66
CA ILE B 101 7.73 -1.39 -17.49
C ILE B 101 8.24 -0.99 -18.86
N ASP B 102 8.81 0.21 -18.98
CA ASP B 102 9.34 0.65 -20.26
C ASP B 102 10.85 0.39 -20.36
N ARG B 103 11.42 0.78 -21.50
CA ARG B 103 12.81 0.47 -21.80
C ARG B 103 13.79 1.16 -20.86
N HIS B 104 13.39 2.26 -20.21
CA HIS B 104 14.23 2.99 -19.29
C HIS B 104 13.86 2.74 -17.84
N GLY B 105 12.94 1.83 -17.59
CA GLY B 105 12.60 1.46 -16.24
C GLY B 105 11.46 2.24 -15.60
N ASN B 106 10.78 3.11 -16.34
CA ASN B 106 9.55 3.64 -15.80
C ASN B 106 8.57 2.49 -15.61
N GLN B 107 7.77 2.57 -14.55
CA GLN B 107 6.93 1.46 -14.15
C GLN B 107 5.57 1.99 -13.76
N ASN B 108 4.54 1.16 -13.97
CA ASN B 108 3.15 1.50 -13.68
C ASN B 108 2.51 0.35 -12.94
N LEU B 109 1.98 0.64 -11.74
CA LEU B 109 1.02 -0.24 -11.08
C LEU B 109 -0.21 0.54 -10.62
N SER B 110 -0.41 1.74 -11.15
CA SER B 110 -1.47 2.64 -10.70
C SER B 110 -2.79 2.38 -11.44
N ALA B 111 -2.80 2.55 -12.75
CA ALA B 111 -4.02 2.46 -13.57
C ALA B 111 -3.61 2.54 -15.02
N PHE B 112 -4.53 2.17 -15.90
CA PHE B 112 -4.36 2.36 -17.34
C PHE B 112 -5.22 3.52 -17.79
N GLY B 113 -4.76 4.26 -18.80
CA GLY B 113 -5.52 5.34 -19.39
C GLY B 113 -5.27 6.69 -18.76
N PRO B 114 -6.11 7.67 -19.08
CA PRO B 114 -5.88 9.03 -18.56
C PRO B 114 -5.92 9.09 -17.04
N LEU B 115 -5.11 10.01 -16.48
CA LEU B 115 -4.91 10.04 -15.04
C LEU B 115 -6.19 10.31 -14.28
N GLN B 116 -7.04 11.21 -14.78
CA GLN B 116 -8.27 11.57 -14.07
C GLN B 116 -9.48 10.78 -14.53
N GLN B 117 -9.34 9.92 -15.54
CA GLN B 117 -10.41 9.02 -15.96
C GLN B 117 -9.79 7.80 -16.61
N PRO B 118 -9.22 6.90 -15.81
CA PRO B 118 -8.55 5.73 -16.37
C PRO B 118 -9.54 4.78 -17.04
N THR B 119 -9.00 3.96 -17.95
CA THR B 119 -9.80 2.90 -18.54
C THR B 119 -9.81 1.64 -17.67
N ARG B 120 -8.85 1.51 -16.75
CA ARG B 120 -8.84 0.42 -15.79
C ARG B 120 -8.09 0.89 -14.56
N GLN B 121 -8.65 0.62 -13.38
CA GLN B 121 -8.08 1.06 -12.13
C GLN B 121 -7.34 -0.09 -11.46
N MET B 122 -6.12 0.18 -10.99
CA MET B 122 -5.42 -0.76 -10.13
C MET B 122 -5.27 -0.14 -8.74
N PHE B 123 -4.06 -0.18 -8.17
CA PHE B 123 -3.88 0.21 -6.78
C PHE B 123 -3.70 1.70 -6.56
N GLY B 124 -3.43 2.45 -7.61
CA GLY B 124 -2.76 3.73 -7.43
C GLY B 124 -1.27 3.48 -7.21
N VAL B 125 -0.53 4.58 -7.05
CA VAL B 125 0.93 4.50 -7.07
C VAL B 125 1.52 3.75 -5.87
N ARG B 126 0.78 3.60 -4.78
CA ARG B 126 1.31 2.95 -3.58
C ARG B 126 2.62 3.59 -3.13
N GLY B 127 3.60 2.79 -2.75
CA GLY B 127 4.92 3.29 -2.40
C GLY B 127 5.92 3.33 -3.54
N ALA B 128 5.50 3.07 -4.77
CA ALA B 128 6.46 3.01 -5.88
C ALA B 128 7.25 4.31 -6.08
N PRO B 129 6.65 5.51 -6.04
CA PRO B 129 7.48 6.71 -6.22
C PRO B 129 8.54 6.86 -5.14
N GLY B 130 8.15 6.65 -3.87
CA GLY B 130 9.11 6.75 -2.78
C GLY B 130 10.18 5.68 -2.85
N ASN B 131 9.82 4.47 -3.26
CA ASN B 131 10.82 3.40 -3.38
C ASN B 131 11.86 3.77 -4.42
N THR B 132 11.40 4.13 -5.62
CA THR B 132 12.30 4.33 -6.74
C THR B 132 13.18 5.56 -6.57
N ILE B 133 12.73 6.55 -5.81
CA ILE B 133 13.57 7.73 -5.58
C ILE B 133 14.51 7.56 -4.39
N ASN B 134 14.28 6.57 -3.51
CA ASN B 134 15.07 6.47 -2.29
C ASN B 134 16.08 5.34 -2.25
N HIS B 135 15.87 4.22 -2.92
CA HIS B 135 16.73 3.08 -2.63
C HIS B 135 16.64 2.06 -3.77
N PRO B 136 17.51 1.05 -3.77
CA PRO B 136 17.45 0.03 -4.82
C PRO B 136 16.07 -0.56 -4.98
N THR B 137 15.64 -0.67 -6.23
CA THR B 137 14.34 -1.21 -6.58
C THR B 137 14.56 -2.20 -7.71
N SER B 138 13.96 -3.38 -7.59
CA SER B 138 13.94 -4.37 -8.64
C SER B 138 12.50 -4.76 -8.93
N TYR B 139 12.30 -5.46 -10.04
CA TYR B 139 10.97 -5.85 -10.47
C TYR B 139 10.89 -7.34 -10.78
N TRP B 140 9.72 -7.91 -10.52
CA TRP B 140 9.41 -9.30 -10.86
C TRP B 140 8.22 -9.32 -11.82
N VAL B 141 8.33 -10.08 -12.91
CA VAL B 141 7.25 -10.22 -13.89
C VAL B 141 7.07 -11.71 -14.17
N GLY B 142 5.95 -12.28 -13.73
CA GLY B 142 5.74 -13.71 -13.88
C GLY B 142 5.33 -14.15 -15.26
N LYS B 143 4.86 -13.23 -16.10
CA LYS B 143 4.49 -13.52 -17.48
C LYS B 143 5.01 -12.37 -18.33
N HIS B 144 6.15 -12.58 -18.96
CA HIS B 144 6.88 -11.59 -19.73
C HIS B 144 6.17 -11.44 -21.08
N THR B 145 5.53 -10.29 -21.31
CA THR B 145 4.78 -10.04 -22.54
C THR B 145 5.04 -8.61 -23.02
N SER B 146 4.66 -8.36 -24.27
CA SER B 146 4.79 -7.02 -24.83
C SER B 146 3.81 -6.02 -24.23
N ARG B 147 2.74 -6.49 -23.59
CA ARG B 147 1.86 -5.57 -22.88
C ARG B 147 2.50 -5.07 -21.59
N VAL B 148 3.29 -5.91 -20.92
CA VAL B 148 4.03 -5.44 -19.76
C VAL B 148 5.21 -4.58 -20.19
N PHE B 149 6.05 -5.12 -21.09
CA PHE B 149 7.27 -4.44 -21.51
C PHE B 149 6.91 -3.62 -22.75
N CYS B 150 6.47 -2.39 -22.52
CA CYS B 150 5.90 -1.54 -23.54
C CYS B 150 6.77 -0.32 -23.76
N ASP B 151 6.48 0.41 -24.84
CA ASP B 151 7.27 1.59 -25.18
C ASP B 151 7.02 2.74 -24.19
N THR B 152 5.77 2.92 -23.77
CA THR B 152 5.41 4.02 -22.88
C THR B 152 4.44 3.49 -21.83
N VAL B 153 4.76 3.70 -20.56
CA VAL B 153 3.81 3.34 -19.51
C VAL B 153 2.74 4.41 -19.41
N ASP B 154 1.53 4.00 -19.01
CA ASP B 154 0.42 4.96 -18.97
C ASP B 154 0.59 5.95 -17.83
N ILE B 155 1.03 5.48 -16.67
CA ILE B 155 1.21 6.30 -15.48
C ILE B 155 2.54 5.92 -14.86
N VAL B 156 3.39 6.91 -14.58
CA VAL B 156 4.72 6.65 -14.02
C VAL B 156 4.56 6.59 -12.50
N SER B 157 4.39 5.37 -11.99
CA SER B 157 4.44 5.18 -10.54
C SER B 157 5.85 4.85 -10.03
N GLY B 158 6.63 4.11 -10.82
CA GLY B 158 8.03 3.86 -10.52
C GLY B 158 8.90 4.67 -11.48
N VAL B 159 9.85 5.40 -10.90
CA VAL B 159 10.63 6.38 -11.65
C VAL B 159 11.72 5.66 -12.46
N GLY B 160 11.78 5.92 -13.76
CA GLY B 160 12.80 5.38 -14.62
C GLY B 160 13.96 6.36 -14.84
N TYR B 161 14.95 5.88 -15.60
CA TYR B 161 16.22 6.62 -15.72
C TYR B 161 16.09 7.92 -16.50
N ASP B 162 15.11 8.03 -17.40
CA ASP B 162 14.98 9.26 -18.16
C ASP B 162 14.26 10.36 -17.40
N GLN B 163 13.90 10.13 -16.13
CA GLN B 163 13.32 11.18 -15.30
C GLN B 163 14.36 11.90 -14.45
N ILE B 164 15.60 11.45 -14.46
CA ILE B 164 16.57 11.90 -13.45
C ILE B 164 17.13 13.25 -13.84
N ASP B 165 17.15 14.19 -12.87
CA ASP B 165 17.81 15.47 -13.06
C ASP B 165 19.19 15.40 -12.41
N PRO B 166 20.27 15.31 -13.19
CA PRO B 166 21.61 15.19 -12.58
C PRO B 166 22.04 16.42 -11.84
N GLU B 167 21.41 17.57 -12.07
CA GLU B 167 21.76 18.78 -11.34
C GLU B 167 21.15 18.82 -9.96
N ASN B 168 20.20 17.94 -9.65
CA ASN B 168 19.50 17.99 -8.39
C ASN B 168 19.87 16.76 -7.58
N PRO B 169 20.66 16.92 -6.52
CA PRO B 169 21.10 15.74 -5.74
C PRO B 169 19.96 15.00 -5.08
N ALA B 170 18.74 15.56 -5.09
CA ALA B 170 17.60 14.81 -4.59
C ALA B 170 17.38 13.50 -5.34
N TYR B 171 17.90 13.39 -6.56
CA TYR B 171 17.77 12.20 -7.38
C TYR B 171 18.90 11.21 -7.20
N ARG B 172 19.86 11.46 -6.30
CA ARG B 172 21.11 10.70 -6.30
C ARG B 172 20.97 9.27 -5.80
N PHE B 173 19.83 8.89 -5.21
CA PHE B 173 19.68 7.55 -4.65
C PHE B 173 18.94 6.60 -5.57
N HIS B 174 18.47 7.07 -6.72
CA HIS B 174 17.75 6.22 -7.66
C HIS B 174 18.67 5.12 -8.18
N HIS B 175 18.17 3.88 -8.18
CA HIS B 175 18.93 2.75 -8.71
C HIS B 175 17.98 1.60 -8.93
N LEU B 176 17.74 1.26 -10.20
CA LEU B 176 16.92 0.10 -10.56
C LEU B 176 17.89 -1.05 -10.82
N HIS B 177 17.81 -2.08 -9.99
CA HIS B 177 18.86 -3.11 -10.00
C HIS B 177 18.61 -4.23 -11.00
N ARG B 178 17.49 -4.96 -10.86
CA ARG B 178 17.20 -6.07 -11.76
C ARG B 178 15.74 -6.08 -12.13
N VAL B 179 15.45 -6.66 -13.30
CA VAL B 179 14.12 -7.18 -13.61
C VAL B 179 14.28 -8.68 -13.82
N VAL B 180 13.56 -9.47 -13.03
CA VAL B 180 13.55 -10.92 -13.21
C VAL B 180 12.17 -11.29 -13.73
N SER B 181 12.14 -12.09 -14.80
CA SER B 181 10.88 -12.55 -15.36
C SER B 181 10.92 -14.07 -15.54
N ASN B 182 9.80 -14.62 -16.00
CA ASN B 182 9.77 -16.02 -16.35
C ASN B 182 10.66 -16.36 -17.55
N LEU B 183 11.21 -15.35 -18.24
CA LEU B 183 12.10 -15.62 -19.37
C LEU B 183 13.58 -15.42 -19.05
N GLY B 184 13.94 -14.56 -18.12
CA GLY B 184 15.34 -14.34 -17.84
C GLY B 184 15.59 -13.29 -16.78
N VAL B 185 16.83 -12.80 -16.77
CA VAL B 185 17.31 -11.81 -15.82
C VAL B 185 17.80 -10.60 -16.61
N PHE B 186 17.36 -9.41 -16.22
CA PHE B 186 17.59 -8.20 -16.98
C PHE B 186 18.00 -7.08 -16.03
N ASP B 187 18.64 -6.05 -16.59
CA ASP B 187 18.90 -4.84 -15.84
C ASP B 187 18.70 -3.65 -16.78
N PHE B 188 19.11 -2.47 -16.33
CA PHE B 188 19.05 -1.26 -17.13
C PHE B 188 20.44 -0.73 -17.39
N GLY B 189 21.36 -1.66 -17.66
CA GLY B 189 22.74 -1.35 -17.95
C GLY B 189 23.07 -1.26 -19.42
N GLY B 190 22.08 -1.33 -20.30
CA GLY B 190 22.31 -1.10 -21.71
C GLY B 190 22.63 0.35 -21.96
N PRO B 191 23.01 0.68 -23.20
CA PRO B 191 23.33 2.07 -23.51
C PRO B 191 22.16 2.97 -23.15
N ASP B 192 22.49 4.10 -22.52
CA ASP B 192 21.49 5.09 -22.12
C ASP B 192 20.55 4.54 -21.05
N HIS B 193 21.05 3.60 -20.24
CA HIS B 193 20.25 2.95 -19.20
C HIS B 193 19.05 2.22 -19.78
N THR B 194 19.29 1.45 -20.83
CA THR B 194 18.21 0.70 -21.46
C THR B 194 18.16 -0.72 -20.94
N PHE B 195 16.96 -1.29 -21.00
CA PHE B 195 16.70 -2.67 -20.61
C PHE B 195 17.65 -3.62 -21.34
N ARG B 196 18.38 -4.43 -20.57
CA ARG B 196 19.47 -5.25 -21.07
C ARG B 196 19.36 -6.66 -20.52
N ALA B 197 19.59 -7.64 -21.37
CA ALA B 197 19.55 -9.04 -20.95
C ALA B 197 20.86 -9.45 -20.30
N LEU B 198 20.78 -9.99 -19.09
CA LEU B 198 21.93 -10.58 -18.42
C LEU B 198 21.99 -12.09 -18.58
N SER B 199 20.84 -12.77 -18.50
CA SER B 199 20.78 -14.21 -18.78
C SER B 199 19.37 -14.57 -19.20
N LEU B 200 19.25 -15.68 -19.93
CA LEU B 200 17.97 -16.29 -20.25
C LEU B 200 17.88 -17.64 -19.53
N HIS B 201 16.71 -17.95 -18.99
CA HIS B 201 16.58 -19.22 -18.30
C HIS B 201 16.73 -20.37 -19.29
N PRO B 202 17.26 -21.51 -18.85
CA PRO B 202 17.44 -22.64 -19.77
C PRO B 202 16.16 -22.97 -20.52
N GLY B 203 16.27 -23.13 -21.84
CA GLY B 203 15.13 -23.40 -22.68
C GLY B 203 14.48 -22.17 -23.28
N VAL B 204 14.81 -20.98 -22.80
CA VAL B 204 14.30 -19.74 -23.37
C VAL B 204 15.23 -19.30 -24.48
N THR B 205 14.67 -18.91 -25.62
CA THR B 205 15.47 -18.44 -26.73
C THR B 205 15.42 -16.92 -26.82
N ALA B 206 16.42 -16.36 -27.50
CA ALA B 206 16.45 -14.92 -27.74
C ALA B 206 15.18 -14.45 -28.45
N ASP B 207 14.73 -15.21 -29.46
CA ASP B 207 13.54 -14.78 -30.20
C ASP B 207 12.29 -14.83 -29.33
N GLN B 208 12.23 -15.74 -28.36
CA GLN B 208 11.11 -15.76 -27.43
C GLN B 208 11.05 -14.47 -26.63
N VAL B 209 12.20 -13.99 -26.15
CA VAL B 209 12.25 -12.72 -25.45
C VAL B 209 11.92 -11.57 -26.39
N ALA B 210 12.53 -11.54 -27.57
CA ALA B 210 12.30 -10.44 -28.50
C ALA B 210 10.84 -10.37 -28.90
N ASP B 211 10.20 -11.52 -29.14
CA ASP B 211 8.80 -11.53 -29.55
C ASP B 211 7.86 -11.08 -28.44
N ASN B 212 8.32 -11.10 -27.19
CA ASN B 212 7.49 -10.75 -26.04
C ASN B 212 7.95 -9.47 -25.35
N THR B 213 8.69 -8.62 -26.06
CA THR B 213 9.13 -7.33 -25.54
C THR B 213 8.87 -6.31 -26.65
N SER B 214 8.21 -5.20 -26.31
CA SER B 214 7.83 -4.25 -27.35
C SER B 214 9.03 -3.55 -27.96
N PHE B 215 10.12 -3.42 -27.21
CA PHE B 215 11.30 -2.68 -27.63
C PHE B 215 12.48 -3.63 -27.75
N GLU B 216 13.59 -3.11 -28.28
CA GLU B 216 14.80 -3.92 -28.43
C GLU B 216 15.46 -4.14 -27.07
N VAL B 217 15.84 -5.39 -26.80
CA VAL B 217 16.52 -5.73 -25.56
C VAL B 217 18.02 -5.72 -25.83
N ALA B 218 18.75 -4.89 -25.09
CA ALA B 218 20.18 -4.76 -25.31
C ALA B 218 20.89 -6.05 -24.92
N GLY B 219 21.91 -6.41 -25.70
CA GLY B 219 22.72 -7.59 -25.42
C GLY B 219 21.99 -8.91 -25.51
N LEU B 220 20.81 -8.94 -26.12
CA LEU B 220 19.99 -10.16 -26.12
C LEU B 220 20.68 -11.29 -26.87
N ALA B 221 21.34 -10.97 -27.98
CA ALA B 221 21.96 -12.01 -28.81
C ALA B 221 23.10 -12.72 -28.06
N ASP B 222 23.79 -12.01 -27.17
CA ASP B 222 24.95 -12.54 -26.49
C ASP B 222 24.65 -13.03 -25.07
N ALA B 223 23.41 -12.88 -24.61
CA ALA B 223 23.10 -13.23 -23.23
C ALA B 223 23.21 -14.74 -23.03
N GLY B 224 23.93 -15.14 -21.98
CA GLY B 224 24.09 -16.53 -21.64
C GLY B 224 22.89 -17.08 -20.89
N VAL B 225 23.08 -18.28 -20.35
CA VAL B 225 22.02 -19.01 -19.65
CA VAL B 225 21.99 -18.96 -19.65
C VAL B 225 22.12 -18.73 -18.15
N THR B 226 20.97 -18.65 -17.50
CA THR B 226 20.94 -18.48 -16.05
C THR B 226 21.66 -19.64 -15.39
N ARG B 227 22.41 -19.34 -14.33
CA ARG B 227 23.21 -20.34 -13.65
C ARG B 227 22.33 -21.45 -13.08
N GLU B 228 22.97 -22.58 -12.80
CA GLU B 228 22.30 -23.64 -12.08
C GLU B 228 22.18 -23.27 -10.61
N PRO B 229 21.11 -23.72 -9.95
CA PRO B 229 21.08 -23.66 -8.49
C PRO B 229 22.10 -24.63 -7.91
N THR B 230 22.64 -24.28 -6.75
CA THR B 230 23.44 -25.26 -6.02
C THR B 230 22.52 -26.32 -5.43
N ASP B 231 23.12 -27.45 -5.05
CA ASP B 231 22.36 -28.50 -4.38
C ASP B 231 21.67 -27.94 -3.15
N GLU B 232 22.38 -27.10 -2.39
CA GLU B 232 21.83 -26.49 -1.19
C GLU B 232 20.64 -25.59 -1.51
N GLU B 233 20.75 -24.80 -2.58
CA GLU B 233 19.62 -23.94 -2.95
C GLU B 233 18.40 -24.77 -3.33
N LEU B 234 18.60 -25.86 -4.06
CA LEU B 234 17.46 -26.71 -4.42
C LEU B 234 16.82 -27.32 -3.17
N ARG B 235 17.65 -27.77 -2.23
CA ARG B 235 17.13 -28.30 -0.97
C ARG B 235 16.33 -27.23 -0.23
N LEU B 236 16.89 -26.02 -0.14
CA LEU B 236 16.19 -24.96 0.58
C LEU B 236 14.87 -24.59 -0.09
N ILE B 237 14.85 -24.50 -1.43
CA ILE B 237 13.61 -24.16 -2.14
C ILE B 237 12.57 -25.26 -1.94
N ARG B 238 12.96 -26.51 -2.18
CA ARG B 238 11.99 -27.61 -2.25
C ARG B 238 11.57 -28.13 -0.89
N GLU B 239 12.46 -28.11 0.09
CA GLU B 239 12.19 -28.73 1.39
C GLU B 239 11.85 -27.72 2.47
N VAL B 240 12.47 -26.55 2.46
CA VAL B 240 12.37 -25.61 3.57
C VAL B 240 11.44 -24.46 3.25
N LEU B 241 11.68 -23.76 2.14
CA LEU B 241 10.99 -22.50 1.90
C LEU B 241 9.64 -22.69 1.21
N ASP B 242 9.54 -23.60 0.24
CA ASP B 242 8.33 -23.71 -0.58
C ASP B 242 8.01 -25.18 -0.85
N PRO B 243 7.77 -25.98 0.19
CA PRO B 243 7.51 -27.41 -0.04
C PRO B 243 6.24 -27.70 -0.82
N ARG B 244 5.28 -26.78 -0.82
CA ARG B 244 4.05 -26.95 -1.57
C ARG B 244 4.12 -26.43 -3.00
N SER B 245 5.29 -25.97 -3.43
CA SER B 245 5.50 -25.46 -4.79
C SER B 245 4.52 -24.35 -5.14
N LEU B 246 4.26 -23.45 -4.19
CA LEU B 246 3.47 -22.28 -4.50
C LEU B 246 4.13 -21.44 -5.59
N ARG B 247 5.46 -21.54 -5.72
CA ARG B 247 6.17 -20.80 -6.75
C ARG B 247 5.65 -21.11 -8.16
N ASP B 248 5.19 -22.35 -8.40
CA ASP B 248 4.80 -22.71 -9.75
C ASP B 248 3.56 -21.94 -10.20
N ARG B 249 2.71 -21.54 -9.26
CA ARG B 249 1.47 -20.87 -9.62
C ARG B 249 1.72 -19.48 -10.19
N GLU B 250 2.89 -18.91 -9.92
CA GLU B 250 3.23 -17.54 -10.23
CA GLU B 250 3.16 -17.53 -10.31
C GLU B 250 4.23 -17.42 -11.38
N VAL B 251 4.57 -18.52 -12.05
CA VAL B 251 5.54 -18.53 -13.13
C VAL B 251 4.87 -19.13 -14.35
N SER B 252 4.71 -18.34 -15.41
CA SER B 252 4.01 -18.74 -16.62
C SER B 252 4.98 -19.29 -17.66
N VAL B 253 4.43 -20.02 -18.62
CA VAL B 253 5.20 -20.43 -19.80
C VAL B 253 5.36 -19.25 -20.77
#